data_1SB8
#
_entry.id   1SB8
#
_cell.length_a   60.438
_cell.length_b   95.877
_cell.length_c   139.638
_cell.angle_alpha   90.00
_cell.angle_beta   90.00
_cell.angle_gamma   90.00
#
_symmetry.space_group_name_H-M   'C 2 2 21'
#
loop_
_entity.id
_entity.type
_entity.pdbx_description
1 polymer wbpP
2 non-polymer NICOTINAMIDE-ADENINE-DINUCLEOTIDE
3 non-polymer URIDINE-DIPHOSPHATE-N-ACETYLGALACTOSAMINE
4 water water
#
_entity_poly.entity_id   1
_entity_poly.type   'polypeptide(L)'
_entity_poly.pdbx_seq_one_letter_code
;MHHHHHHGSMGMMSRYEELRKELPAQPKVWLITGVAGFIGSNLLETLLKLDQKVVGLDNFATGHQRNLDEVRSLVSEKQW
SNFKFIQGDIRNLDDCNNACAGVDYVLHQAALGSVPRSINDPITSNATNIDGFLNMLIAARDAKVQSFTYAASSSTYGDH
PGLPKVEDTIGKPLSPYAVTKYVNELYADVFSRCYGFSTIGLRYFNVFGRRQDPNGAYAAVIPKWTSSMIQGDDVYINGD
GETSRDFCYIENTVQANLLAATAGLDARNQVYNIAVGGRTSLNQLFFALRDGLAENGVSYHREPVYRDFREGDVRHSLAD
ISKAAKLLGYAPKYDVSAGVALAMPWYIMFLK
;
_entity_poly.pdbx_strand_id   A
#
# COMPACT_ATOMS: atom_id res chain seq x y z
N MET A 12 17.64 -2.57 21.80
CA MET A 12 17.12 -3.98 21.83
C MET A 12 16.22 -4.23 20.63
N MET A 13 14.94 -4.49 20.89
CA MET A 13 13.97 -4.75 19.84
C MET A 13 13.20 -3.48 19.47
N SER A 14 12.87 -3.36 18.19
CA SER A 14 12.14 -2.19 17.70
C SER A 14 10.74 -2.16 18.29
N ARG A 15 10.06 -1.04 18.12
CA ARG A 15 8.71 -0.89 18.63
C ARG A 15 7.76 -1.89 17.96
N TYR A 16 7.95 -2.11 16.67
CA TYR A 16 7.09 -3.05 15.95
C TYR A 16 7.25 -4.46 16.52
N GLU A 17 8.50 -4.87 16.75
CA GLU A 17 8.78 -6.18 17.31
C GLU A 17 8.08 -6.32 18.65
N GLU A 18 8.09 -5.25 19.44
CA GLU A 18 7.46 -5.24 20.74
C GLU A 18 5.94 -5.31 20.56
N LEU A 19 5.43 -4.58 19.56
CA LEU A 19 4.00 -4.58 19.29
C LEU A 19 3.53 -5.99 18.90
N ARG A 20 4.36 -6.67 18.11
CA ARG A 20 4.04 -8.03 17.67
C ARG A 20 3.81 -8.96 18.86
N LYS A 21 4.49 -8.67 19.96
CA LYS A 21 4.37 -9.48 21.16
C LYS A 21 3.14 -9.12 21.97
N GLU A 22 2.81 -7.84 22.01
CA GLU A 22 1.67 -7.34 22.78
C GLU A 22 0.31 -7.69 22.18
N LEU A 23 0.17 -7.48 20.87
CA LEU A 23 -1.10 -7.72 20.19
C LEU A 23 -1.79 -9.05 20.46
N PRO A 24 -1.08 -10.18 20.34
CA PRO A 24 -1.71 -11.48 20.58
C PRO A 24 -2.24 -11.60 22.01
N ALA A 25 -1.54 -10.97 22.96
CA ALA A 25 -1.92 -10.99 24.37
C ALA A 25 -3.21 -10.20 24.64
N GLN A 26 -3.45 -9.17 23.84
CA GLN A 26 -4.65 -8.35 24.00
C GLN A 26 -5.23 -8.04 22.61
N PRO A 27 -5.95 -9.01 22.04
CA PRO A 27 -6.59 -8.89 20.72
C PRO A 27 -7.55 -7.71 20.55
N LYS A 28 -7.42 -7.03 19.41
CA LYS A 28 -8.27 -5.89 19.11
C LYS A 28 -9.03 -6.18 17.82
N VAL A 29 -10.00 -5.34 17.49
CA VAL A 29 -10.81 -5.51 16.28
C VAL A 29 -10.33 -4.51 15.21
N TRP A 30 -9.86 -5.05 14.09
CA TRP A 30 -9.37 -4.23 13.00
C TRP A 30 -10.26 -4.30 11.76
N LEU A 31 -10.34 -3.19 11.04
CA LEU A 31 -11.10 -3.14 9.79
C LEU A 31 -10.12 -2.83 8.67
N ILE A 32 -10.19 -3.61 7.60
CA ILE A 32 -9.33 -3.38 6.45
C ILE A 32 -10.22 -3.20 5.24
N THR A 33 -10.24 -2.00 4.67
CA THR A 33 -11.02 -1.78 3.46
C THR A 33 -10.02 -2.10 2.36
N GLY A 34 -10.49 -2.70 1.26
CA GLY A 34 -9.59 -3.08 0.18
C GLY A 34 -8.82 -4.32 0.60
N VAL A 35 -9.40 -5.08 1.52
CA VAL A 35 -8.77 -6.30 2.04
C VAL A 35 -8.51 -7.40 1.01
N ALA A 36 -9.21 -7.38 -0.13
CA ALA A 36 -9.00 -8.40 -1.15
C ALA A 36 -7.90 -8.00 -2.13
N GLY A 37 -7.31 -6.83 -1.92
CA GLY A 37 -6.26 -6.36 -2.79
C GLY A 37 -4.87 -6.75 -2.29
N PHE A 38 -3.86 -6.19 -2.95
CA PHE A 38 -2.46 -6.45 -2.62
C PHE A 38 -2.11 -6.10 -1.17
N ILE A 39 -2.09 -4.82 -0.84
CA ILE A 39 -1.74 -4.39 0.50
C ILE A 39 -2.74 -4.88 1.57
N GLY A 40 -4.02 -4.79 1.26
CA GLY A 40 -5.04 -5.23 2.18
C GLY A 40 -4.95 -6.69 2.58
N SER A 41 -4.75 -7.58 1.61
CA SER A 41 -4.67 -9.01 1.89
C SER A 41 -3.41 -9.35 2.68
N ASN A 42 -2.37 -8.55 2.52
CA ASN A 42 -1.13 -8.78 3.25
C ASN A 42 -1.32 -8.31 4.70
N LEU A 43 -2.11 -7.25 4.88
CA LEU A 43 -2.39 -6.76 6.24
C LEU A 43 -3.25 -7.81 6.94
N LEU A 44 -4.18 -8.40 6.19
CA LEU A 44 -5.06 -9.44 6.71
C LEU A 44 -4.24 -10.63 7.21
N GLU A 45 -3.31 -11.08 6.39
CA GLU A 45 -2.47 -12.23 6.74
C GLU A 45 -1.72 -11.94 8.04
N THR A 46 -1.10 -10.78 8.13
CA THR A 46 -0.34 -10.39 9.30
C THR A 46 -1.23 -10.33 10.54
N LEU A 47 -2.31 -9.57 10.46
CA LEU A 47 -3.21 -9.42 11.61
C LEU A 47 -3.82 -10.74 12.08
N LEU A 48 -4.25 -11.59 11.15
CA LEU A 48 -4.82 -12.87 11.55
C LEU A 48 -3.77 -13.74 12.25
N LYS A 49 -2.52 -13.65 11.78
CA LYS A 49 -1.44 -14.43 12.39
C LYS A 49 -1.07 -13.90 13.77
N LEU A 50 -1.49 -12.66 14.06
CA LEU A 50 -1.23 -12.06 15.37
C LEU A 50 -2.44 -12.22 16.26
N ASP A 51 -3.31 -13.16 15.88
CA ASP A 51 -4.53 -13.51 16.60
C ASP A 51 -5.51 -12.36 16.83
N GLN A 52 -5.58 -11.45 15.87
CA GLN A 52 -6.49 -10.30 15.96
C GLN A 52 -7.81 -10.61 15.30
N LYS A 53 -8.84 -9.83 15.61
CA LYS A 53 -10.14 -10.00 14.99
C LYS A 53 -10.09 -9.03 13.83
N VAL A 54 -10.57 -9.46 12.66
CA VAL A 54 -10.53 -8.58 11.51
C VAL A 54 -11.81 -8.58 10.69
N VAL A 55 -12.23 -7.38 10.30
CA VAL A 55 -13.40 -7.19 9.46
C VAL A 55 -12.81 -6.68 8.16
N GLY A 56 -13.31 -7.19 7.03
CA GLY A 56 -12.80 -6.75 5.74
C GLY A 56 -13.92 -6.22 4.87
N LEU A 57 -13.61 -5.25 4.01
CA LEU A 57 -14.59 -4.64 3.10
C LEU A 57 -13.93 -4.52 1.73
N ASP A 58 -14.60 -5.01 0.69
CA ASP A 58 -14.05 -4.93 -0.67
C ASP A 58 -15.15 -5.21 -1.70
N ASN A 59 -15.04 -4.57 -2.87
CA ASN A 59 -16.02 -4.75 -3.94
C ASN A 59 -15.45 -5.55 -5.11
N PHE A 60 -14.20 -5.98 -4.97
CA PHE A 60 -13.53 -6.75 -6.02
C PHE A 60 -13.36 -5.98 -7.33
N ALA A 61 -13.29 -4.65 -7.24
CA ALA A 61 -13.11 -3.84 -8.44
C ALA A 61 -11.77 -4.18 -9.06
N THR A 62 -10.74 -4.26 -8.23
CA THR A 62 -9.39 -4.60 -8.69
C THR A 62 -8.78 -5.70 -7.83
N GLY A 63 -9.46 -6.02 -6.72
CA GLY A 63 -9.01 -7.06 -5.81
C GLY A 63 -9.48 -8.42 -6.31
N HIS A 64 -9.10 -9.49 -5.61
CA HIS A 64 -9.46 -10.84 -6.04
C HIS A 64 -9.79 -11.80 -4.92
N GLN A 65 -10.77 -12.66 -5.17
CA GLN A 65 -11.17 -13.68 -4.20
C GLN A 65 -9.96 -14.59 -3.96
N ARG A 66 -9.17 -14.80 -5.00
CA ARG A 66 -8.00 -15.66 -4.88
C ARG A 66 -7.05 -15.15 -3.80
N ASN A 67 -7.03 -13.84 -3.58
CA ASN A 67 -6.17 -13.28 -2.56
C ASN A 67 -6.68 -13.67 -1.17
N LEU A 68 -7.99 -13.71 -1.02
CA LEU A 68 -8.59 -14.10 0.25
C LEU A 68 -8.39 -15.61 0.44
N ASP A 69 -8.47 -16.36 -0.66
CA ASP A 69 -8.26 -17.80 -0.57
C ASP A 69 -6.81 -18.08 -0.21
N GLU A 70 -5.89 -17.28 -0.75
CA GLU A 70 -4.48 -17.49 -0.45
C GLU A 70 -4.20 -17.25 1.03
N VAL A 71 -4.75 -16.16 1.57
CA VAL A 71 -4.56 -15.87 2.99
C VAL A 71 -5.08 -17.02 3.85
N ARG A 72 -6.26 -17.54 3.50
CA ARG A 72 -6.81 -18.66 4.28
C ARG A 72 -5.89 -19.87 4.23
N SER A 73 -5.22 -20.07 3.08
CA SER A 73 -4.31 -21.19 2.95
C SER A 73 -3.02 -20.97 3.74
N LEU A 74 -2.79 -19.72 4.14
CA LEU A 74 -1.58 -19.38 4.88
C LEU A 74 -1.75 -19.21 6.39
N VAL A 75 -2.98 -19.09 6.86
CA VAL A 75 -3.22 -18.94 8.30
C VAL A 75 -3.93 -20.18 8.86
N SER A 76 -3.92 -20.32 10.19
CA SER A 76 -4.55 -21.46 10.81
C SER A 76 -6.05 -21.35 10.66
N GLU A 77 -6.73 -22.47 10.84
CA GLU A 77 -8.19 -22.54 10.74
C GLU A 77 -8.82 -21.66 11.81
N LYS A 78 -8.20 -21.61 12.99
CA LYS A 78 -8.71 -20.79 14.08
C LYS A 78 -8.61 -19.31 13.72
N GLN A 79 -7.43 -18.91 13.24
CA GLN A 79 -7.20 -17.52 12.87
C GLN A 79 -8.17 -17.05 11.77
N TRP A 80 -8.43 -17.89 10.79
CA TRP A 80 -9.33 -17.52 9.71
C TRP A 80 -10.75 -17.28 10.24
N SER A 81 -11.11 -17.94 11.32
CA SER A 81 -12.44 -17.75 11.90
C SER A 81 -12.55 -16.40 12.59
N ASN A 82 -11.44 -15.69 12.73
CA ASN A 82 -11.45 -14.37 13.34
C ASN A 82 -11.60 -13.30 12.26
N PHE A 83 -11.96 -13.74 11.06
CA PHE A 83 -12.12 -12.84 9.93
C PHE A 83 -13.57 -12.77 9.45
N LYS A 84 -14.10 -11.54 9.35
CA LYS A 84 -15.44 -11.32 8.87
C LYS A 84 -15.31 -10.48 7.60
N PHE A 85 -15.72 -11.04 6.46
CA PHE A 85 -15.63 -10.34 5.20
C PHE A 85 -16.98 -9.79 4.72
N ILE A 86 -16.95 -8.56 4.24
CA ILE A 86 -18.15 -7.92 3.74
C ILE A 86 -17.90 -7.48 2.30
N GLN A 87 -18.65 -8.04 1.35
CA GLN A 87 -18.49 -7.62 -0.03
C GLN A 87 -19.32 -6.35 -0.11
N GLY A 88 -18.64 -5.21 -0.21
CA GLY A 88 -19.34 -3.94 -0.26
C GLY A 88 -18.49 -2.88 -0.93
N ASP A 89 -19.05 -1.68 -1.05
CA ASP A 89 -18.37 -0.58 -1.71
C ASP A 89 -18.23 0.62 -0.77
N ILE A 90 -17.04 1.22 -0.67
CA ILE A 90 -16.88 2.35 0.22
C ILE A 90 -17.68 3.56 -0.26
N ARG A 91 -18.14 3.53 -1.51
CA ARG A 91 -18.94 4.64 -2.03
C ARG A 91 -20.38 4.56 -1.50
N ASN A 92 -20.66 3.47 -0.79
CA ASN A 92 -21.98 3.27 -0.19
C ASN A 92 -21.82 3.47 1.32
N LEU A 93 -22.33 4.59 1.83
CA LEU A 93 -22.22 4.89 3.24
C LEU A 93 -22.74 3.77 4.15
N ASP A 94 -23.76 3.03 3.69
CA ASP A 94 -24.29 1.92 4.49
C ASP A 94 -23.28 0.79 4.63
N ASP A 95 -22.52 0.52 3.57
CA ASP A 95 -21.52 -0.53 3.64
C ASP A 95 -20.42 -0.10 4.61
N CYS A 96 -20.07 1.19 4.58
CA CYS A 96 -19.05 1.73 5.48
C CYS A 96 -19.51 1.62 6.94
N ASN A 97 -20.75 2.03 7.20
CA ASN A 97 -21.28 1.97 8.56
C ASN A 97 -21.23 0.54 9.10
N ASN A 98 -21.69 -0.41 8.30
CA ASN A 98 -21.68 -1.81 8.70
C ASN A 98 -20.28 -2.33 8.97
N ALA A 99 -19.33 -1.95 8.13
CA ALA A 99 -17.94 -2.39 8.28
C ALA A 99 -17.25 -1.81 9.52
N CYS A 100 -17.58 -0.57 9.86
CA CYS A 100 -17.00 0.12 11.00
C CYS A 100 -17.60 -0.23 12.37
N ALA A 101 -18.73 -0.94 12.37
CA ALA A 101 -19.40 -1.29 13.63
C ALA A 101 -18.52 -2.10 14.58
N GLY A 102 -18.33 -1.58 15.78
CA GLY A 102 -17.54 -2.27 16.80
C GLY A 102 -16.07 -2.44 16.48
N VAL A 103 -15.53 -1.58 15.61
CA VAL A 103 -14.13 -1.68 15.23
C VAL A 103 -13.25 -0.75 16.06
N ASP A 104 -12.05 -1.23 16.41
CA ASP A 104 -11.10 -0.44 17.16
C ASP A 104 -10.21 0.38 16.22
N TYR A 105 -9.54 -0.32 15.30
CA TYR A 105 -8.63 0.33 14.37
C TYR A 105 -9.01 0.15 12.91
N VAL A 106 -9.06 1.25 12.17
CA VAL A 106 -9.37 1.19 10.75
C VAL A 106 -8.13 1.42 9.91
N LEU A 107 -7.88 0.49 8.98
CA LEU A 107 -6.76 0.59 8.06
C LEU A 107 -7.45 0.73 6.70
N HIS A 108 -7.51 1.96 6.18
CA HIS A 108 -8.19 2.21 4.92
C HIS A 108 -7.27 2.07 3.71
N GLN A 109 -7.43 0.98 2.96
CA GLN A 109 -6.61 0.73 1.78
C GLN A 109 -7.47 0.73 0.51
N ALA A 110 -8.79 0.69 0.66
CA ALA A 110 -9.68 0.67 -0.50
C ALA A 110 -9.53 1.90 -1.39
N ALA A 111 -9.13 1.67 -2.63
CA ALA A 111 -8.97 2.74 -3.60
C ALA A 111 -8.60 2.17 -4.96
N LEU A 112 -8.60 3.03 -5.97
CA LEU A 112 -8.22 2.61 -7.31
C LEU A 112 -6.86 3.24 -7.58
N GLY A 113 -5.82 2.41 -7.57
CA GLY A 113 -4.48 2.92 -7.82
C GLY A 113 -4.25 3.17 -9.30
N SER A 114 -2.99 3.28 -9.67
CA SER A 114 -2.58 3.53 -11.05
C SER A 114 -2.79 4.95 -11.54
N VAL A 115 -1.66 5.60 -11.83
CA VAL A 115 -1.67 6.95 -12.35
C VAL A 115 -2.29 6.96 -13.75
N PRO A 116 -1.82 6.05 -14.64
CA PRO A 116 -2.37 5.99 -16.00
C PRO A 116 -3.89 5.82 -16.03
N ARG A 117 -4.40 4.95 -15.16
CA ARG A 117 -5.83 4.69 -15.08
C ARG A 117 -6.58 5.99 -14.79
N SER A 118 -6.08 6.79 -13.86
CA SER A 118 -6.75 8.05 -13.50
C SER A 118 -6.71 9.06 -14.65
N ILE A 119 -5.72 8.94 -15.52
CA ILE A 119 -5.59 9.84 -16.67
C ILE A 119 -6.63 9.46 -17.72
N ASN A 120 -6.83 8.17 -17.92
CA ASN A 120 -7.80 7.68 -18.89
C ASN A 120 -9.22 7.85 -18.41
N ASP A 121 -9.42 7.77 -17.11
CA ASP A 121 -10.76 7.90 -16.53
C ASP A 121 -10.69 8.50 -15.14
N PRO A 122 -10.55 9.82 -15.06
CA PRO A 122 -10.48 10.50 -13.75
C PRO A 122 -11.76 10.40 -12.92
N ILE A 123 -12.91 10.34 -13.59
CA ILE A 123 -14.19 10.26 -12.88
C ILE A 123 -14.27 9.03 -11.98
N THR A 124 -13.99 7.86 -12.53
CA THR A 124 -14.05 6.64 -11.76
C THR A 124 -13.09 6.63 -10.58
N SER A 125 -11.86 7.11 -10.79
CA SER A 125 -10.86 7.18 -9.72
C SER A 125 -11.30 8.16 -8.64
N ASN A 126 -11.91 9.27 -9.06
CA ASN A 126 -12.39 10.28 -8.15
C ASN A 126 -13.48 9.74 -7.23
N ALA A 127 -14.44 9.02 -7.80
CA ALA A 127 -15.57 8.46 -7.05
C ALA A 127 -15.11 7.59 -5.88
N THR A 128 -14.22 6.64 -6.15
CA THR A 128 -13.72 5.74 -5.11
C THR A 128 -12.71 6.40 -4.17
N ASN A 129 -11.69 7.03 -4.77
CA ASN A 129 -10.62 7.65 -4.00
C ASN A 129 -11.02 8.86 -3.17
N ILE A 130 -11.97 9.65 -3.65
CA ILE A 130 -12.38 10.81 -2.87
C ILE A 130 -13.73 10.58 -2.18
N ASP A 131 -14.79 10.32 -2.95
CA ASP A 131 -16.10 10.11 -2.33
C ASP A 131 -16.03 8.96 -1.33
N GLY A 132 -15.43 7.86 -1.75
CA GLY A 132 -15.31 6.69 -0.88
C GLY A 132 -14.51 6.98 0.38
N PHE A 133 -13.45 7.75 0.25
CA PHE A 133 -12.61 8.08 1.39
C PHE A 133 -13.40 8.90 2.40
N LEU A 134 -14.17 9.86 1.90
CA LEU A 134 -14.97 10.71 2.76
C LEU A 134 -16.01 9.89 3.54
N ASN A 135 -16.66 8.94 2.87
CA ASN A 135 -17.65 8.10 3.53
C ASN A 135 -17.03 7.31 4.68
N MET A 136 -15.82 6.82 4.45
CA MET A 136 -15.14 6.04 5.49
C MET A 136 -14.80 6.90 6.71
N LEU A 137 -14.39 8.15 6.47
CA LEU A 137 -14.07 9.06 7.57
C LEU A 137 -15.31 9.29 8.44
N ILE A 138 -16.45 9.51 7.77
CA ILE A 138 -17.73 9.75 8.44
C ILE A 138 -18.16 8.52 9.23
N ALA A 139 -18.19 7.37 8.55
CA ALA A 139 -18.58 6.12 9.18
C ALA A 139 -17.67 5.77 10.36
N ALA A 140 -16.36 5.94 10.17
CA ALA A 140 -15.39 5.65 11.23
C ALA A 140 -15.62 6.60 12.40
N ARG A 141 -15.81 7.87 12.08
CA ARG A 141 -16.08 8.88 13.10
C ARG A 141 -17.34 8.50 13.87
N ASP A 142 -18.43 8.28 13.15
CA ASP A 142 -19.70 7.93 13.75
C ASP A 142 -19.68 6.63 14.55
N ALA A 143 -18.74 5.74 14.23
CA ALA A 143 -18.62 4.47 14.92
C ALA A 143 -17.72 4.58 16.15
N LYS A 144 -17.11 5.74 16.32
CA LYS A 144 -16.21 5.99 17.44
C LYS A 144 -15.04 5.01 17.49
N VAL A 145 -14.37 4.79 16.37
CA VAL A 145 -13.21 3.89 16.35
C VAL A 145 -12.09 4.56 17.12
N GLN A 146 -11.12 3.76 17.57
CA GLN A 146 -10.00 4.28 18.33
C GLN A 146 -8.93 4.96 17.46
N SER A 147 -8.78 4.47 16.22
CA SER A 147 -7.79 5.05 15.32
C SER A 147 -8.19 4.84 13.86
N PHE A 148 -7.73 5.74 13.00
CA PHE A 148 -8.03 5.68 11.58
C PHE A 148 -6.73 5.92 10.83
N THR A 149 -6.30 4.91 10.08
CA THR A 149 -5.07 4.99 9.30
C THR A 149 -5.43 4.76 7.84
N TYR A 150 -4.91 5.59 6.95
CA TYR A 150 -5.23 5.48 5.54
C TYR A 150 -4.02 5.55 4.64
N ALA A 151 -4.13 4.95 3.46
CA ALA A 151 -3.05 4.92 2.49
C ALA A 151 -3.00 6.21 1.65
N ALA A 152 -1.96 7.01 1.88
CA ALA A 152 -1.74 8.23 1.12
C ALA A 152 -0.74 7.85 0.04
N SER A 153 -0.17 8.83 -0.65
CA SER A 153 0.76 8.48 -1.72
C SER A 153 1.93 9.43 -1.91
N SER A 154 3.09 8.86 -2.22
CA SER A 154 4.29 9.66 -2.45
C SER A 154 4.16 10.50 -3.72
N SER A 155 3.13 10.22 -4.53
CA SER A 155 2.92 10.97 -5.75
C SER A 155 2.49 12.40 -5.41
N THR A 156 2.16 12.63 -4.15
CA THR A 156 1.75 13.95 -3.70
C THR A 156 2.92 14.93 -3.84
N TYR A 157 4.14 14.41 -3.90
CA TYR A 157 5.30 15.28 -4.04
C TYR A 157 5.35 15.88 -5.44
N GLY A 158 4.61 15.27 -6.35
CA GLY A 158 4.52 15.73 -7.73
C GLY A 158 5.78 16.21 -8.43
N ASP A 159 5.69 17.41 -8.99
CA ASP A 159 6.79 18.02 -9.73
C ASP A 159 8.00 18.46 -8.91
N HIS A 160 7.81 18.67 -7.61
CA HIS A 160 8.90 19.10 -6.74
C HIS A 160 10.13 18.23 -7.00
N PRO A 161 11.28 18.86 -7.34
CA PRO A 161 12.55 18.19 -7.64
C PRO A 161 13.48 17.73 -6.50
N GLY A 162 13.53 18.46 -5.39
CA GLY A 162 14.40 18.09 -4.29
C GLY A 162 14.40 16.63 -3.84
N LEU A 163 15.53 16.18 -3.28
CA LEU A 163 15.66 14.81 -2.78
C LEU A 163 16.56 14.78 -1.54
N PRO A 164 16.19 13.99 -0.53
CA PRO A 164 15.00 13.13 -0.48
C PRO A 164 13.74 13.95 -0.15
N LYS A 165 12.59 13.29 -0.20
CA LYS A 165 11.34 13.99 0.08
C LYS A 165 11.01 14.04 1.57
N VAL A 166 10.62 15.23 2.02
CA VAL A 166 10.25 15.47 3.40
C VAL A 166 8.77 15.84 3.41
N GLU A 167 8.04 15.36 4.43
CA GLU A 167 6.60 15.57 4.54
C GLU A 167 6.01 16.97 4.37
N ASP A 168 6.62 17.98 4.99
CA ASP A 168 6.06 19.33 4.88
C ASP A 168 6.27 20.01 3.54
N THR A 169 7.15 19.47 2.70
CA THR A 169 7.43 20.06 1.40
C THR A 169 6.93 19.19 0.26
N ILE A 170 5.84 19.62 -0.37
CA ILE A 170 5.28 18.86 -1.50
C ILE A 170 5.25 19.72 -2.75
N GLY A 171 4.90 19.10 -3.88
CA GLY A 171 4.85 19.85 -5.12
C GLY A 171 3.46 19.84 -5.73
N LYS A 172 3.37 20.13 -7.02
CA LYS A 172 2.09 20.15 -7.72
C LYS A 172 1.78 18.77 -8.29
N PRO A 173 0.53 18.30 -8.11
CA PRO A 173 0.07 16.99 -8.61
C PRO A 173 0.24 16.89 -10.13
N LEU A 174 0.70 15.73 -10.59
CA LEU A 174 0.91 15.52 -12.02
C LEU A 174 -0.17 14.65 -12.66
N SER A 175 -1.12 14.20 -11.85
CA SER A 175 -2.18 13.34 -12.38
C SER A 175 -3.43 13.40 -11.51
N PRO A 176 -4.58 12.98 -12.07
CA PRO A 176 -5.83 12.98 -11.32
C PRO A 176 -5.68 12.11 -10.07
N TYR A 177 -5.00 10.97 -10.20
CA TYR A 177 -4.78 10.07 -9.07
C TYR A 177 -4.05 10.80 -7.94
N ALA A 178 -3.01 11.55 -8.30
CA ALA A 178 -2.22 12.30 -7.32
C ALA A 178 -3.09 13.31 -6.58
N VAL A 179 -4.07 13.88 -7.27
CA VAL A 179 -4.95 14.84 -6.64
C VAL A 179 -5.81 14.14 -5.58
N THR A 180 -6.39 13.00 -5.96
CA THR A 180 -7.25 12.26 -5.05
C THR A 180 -6.58 11.86 -3.72
N LYS A 181 -5.35 11.37 -3.80
CA LYS A 181 -4.64 10.96 -2.60
C LYS A 181 -4.30 12.17 -1.75
N TYR A 182 -4.00 13.29 -2.40
CA TYR A 182 -3.69 14.51 -1.67
C TYR A 182 -4.96 14.96 -0.95
N VAL A 183 -6.09 14.88 -1.66
CA VAL A 183 -7.37 15.30 -1.09
C VAL A 183 -7.73 14.46 0.13
N ASN A 184 -7.25 13.22 0.18
CA ASN A 184 -7.50 12.36 1.33
C ASN A 184 -6.85 13.04 2.54
N GLU A 185 -5.65 13.58 2.34
CA GLU A 185 -4.93 14.28 3.39
C GLU A 185 -5.67 15.54 3.81
N LEU A 186 -6.20 16.27 2.84
CA LEU A 186 -6.92 17.51 3.13
C LEU A 186 -8.14 17.24 4.01
N TYR A 187 -8.97 16.27 3.63
CA TYR A 187 -10.15 15.95 4.42
C TYR A 187 -9.76 15.41 5.80
N ALA A 188 -8.67 14.64 5.85
CA ALA A 188 -8.19 14.06 7.10
C ALA A 188 -7.90 15.16 8.12
N ASP A 189 -7.18 16.18 7.66
CA ASP A 189 -6.83 17.30 8.53
C ASP A 189 -8.06 18.07 8.98
N VAL A 190 -8.99 18.31 8.07
CA VAL A 190 -10.21 19.05 8.39
C VAL A 190 -11.11 18.29 9.38
N PHE A 191 -11.11 16.96 9.30
CA PHE A 191 -11.93 16.17 10.21
C PHE A 191 -11.38 16.24 11.63
N SER A 192 -10.07 16.47 11.74
CA SER A 192 -9.44 16.60 13.04
C SER A 192 -9.83 17.95 13.63
N ARG A 193 -9.70 19.00 12.80
CA ARG A 193 -10.04 20.36 13.20
C ARG A 193 -11.51 20.56 13.54
N CYS A 194 -12.39 20.05 12.69
CA CYS A 194 -13.83 20.23 12.86
C CYS A 194 -14.57 19.23 13.75
N TYR A 195 -14.09 18.00 13.84
CA TYR A 195 -14.78 17.00 14.64
C TYR A 195 -13.90 16.38 15.72
N GLY A 196 -12.62 16.72 15.72
CA GLY A 196 -11.71 16.14 16.68
C GLY A 196 -11.41 14.70 16.35
N PHE A 197 -11.62 14.31 15.09
CA PHE A 197 -11.36 12.95 14.66
C PHE A 197 -9.95 12.87 14.08
N SER A 198 -9.03 12.33 14.88
CA SER A 198 -7.64 12.20 14.51
C SER A 198 -7.38 11.03 13.57
N THR A 199 -6.42 11.21 12.67
CA THR A 199 -6.08 10.15 11.72
C THR A 199 -4.58 10.24 11.43
N ILE A 200 -4.06 9.19 10.79
CA ILE A 200 -2.66 9.16 10.40
C ILE A 200 -2.62 8.74 8.94
N GLY A 201 -2.04 9.59 8.10
CA GLY A 201 -1.93 9.28 6.68
C GLY A 201 -0.56 8.73 6.38
N LEU A 202 -0.52 7.64 5.63
CA LEU A 202 0.75 7.01 5.27
C LEU A 202 1.04 7.17 3.77
N ARG A 203 2.01 8.03 3.45
CA ARG A 203 2.38 8.24 2.07
C ARG A 203 3.30 7.10 1.63
N TYR A 204 2.71 6.07 1.04
CA TYR A 204 3.48 4.92 0.59
C TYR A 204 4.35 5.29 -0.61
N PHE A 205 5.47 4.59 -0.74
CA PHE A 205 6.41 4.78 -1.85
C PHE A 205 6.52 3.42 -2.58
N ASN A 206 5.88 3.31 -3.74
CA ASN A 206 5.94 2.08 -4.53
C ASN A 206 6.15 0.78 -3.76
N VAL A 207 5.07 0.29 -3.18
CA VAL A 207 5.07 -0.94 -2.40
C VAL A 207 5.07 -2.12 -3.37
N PHE A 208 5.69 -3.22 -2.97
CA PHE A 208 5.73 -4.42 -3.82
C PHE A 208 5.83 -5.67 -2.97
N GLY A 209 5.54 -6.82 -3.59
CA GLY A 209 5.60 -8.08 -2.87
C GLY A 209 4.53 -9.04 -3.35
N ARG A 210 4.38 -10.15 -2.64
CA ARG A 210 3.38 -11.16 -2.98
C ARG A 210 1.95 -10.63 -3.05
N ARG A 211 1.23 -11.11 -4.07
CA ARG A 211 -0.15 -10.75 -4.32
C ARG A 211 -0.37 -9.37 -4.97
N GLN A 212 0.68 -8.79 -5.52
CA GLN A 212 0.50 -7.53 -6.23
C GLN A 212 0.23 -8.02 -7.66
N ASP A 213 -1.00 -7.77 -8.12
CA ASP A 213 -1.50 -8.20 -9.42
C ASP A 213 -0.59 -7.96 -10.63
N PRO A 214 -0.17 -9.03 -11.32
CA PRO A 214 0.70 -8.92 -12.49
C PRO A 214 -0.13 -8.79 -13.77
N ASN A 215 -1.42 -9.08 -13.68
CA ASN A 215 -2.31 -9.01 -14.83
C ASN A 215 -2.99 -7.65 -14.93
N GLY A 216 -3.62 -7.39 -16.07
CA GLY A 216 -4.30 -6.12 -16.25
C GLY A 216 -3.42 -5.08 -16.91
N ALA A 217 -4.04 -4.14 -17.61
CA ALA A 217 -3.33 -3.09 -18.30
C ALA A 217 -2.70 -2.07 -17.35
N TYR A 218 -3.06 -2.13 -16.07
CA TYR A 218 -2.54 -1.17 -15.09
C TYR A 218 -1.64 -1.77 -14.02
N ALA A 219 -1.07 -2.93 -14.29
CA ALA A 219 -0.20 -3.60 -13.31
C ALA A 219 1.05 -2.78 -13.00
N ALA A 220 1.46 -2.78 -11.72
CA ALA A 220 2.66 -2.06 -11.30
C ALA A 220 3.87 -2.64 -12.01
N VAL A 221 4.94 -1.85 -12.09
CA VAL A 221 6.15 -2.27 -12.80
C VAL A 221 6.78 -3.61 -12.38
N ILE A 222 6.91 -3.87 -11.09
CA ILE A 222 7.53 -5.14 -10.65
C ILE A 222 6.71 -6.37 -11.03
N PRO A 223 5.40 -6.37 -10.76
CA PRO A 223 4.57 -7.52 -11.11
C PRO A 223 4.54 -7.70 -12.64
N LYS A 224 4.42 -6.58 -13.34
CA LYS A 224 4.38 -6.57 -14.79
C LYS A 224 5.67 -7.13 -15.39
N TRP A 225 6.80 -6.59 -14.96
CA TRP A 225 8.09 -7.04 -15.48
C TRP A 225 8.43 -8.48 -15.11
N THR A 226 8.14 -8.85 -13.86
CA THR A 226 8.43 -10.19 -13.40
C THR A 226 7.65 -11.21 -14.22
N SER A 227 6.36 -10.96 -14.41
CA SER A 227 5.54 -11.87 -15.20
C SER A 227 6.00 -11.92 -16.64
N SER A 228 6.34 -10.76 -17.20
CA SER A 228 6.81 -10.70 -18.58
C SER A 228 8.08 -11.54 -18.78
N MET A 229 9.03 -11.41 -17.86
CA MET A 229 10.28 -12.15 -17.94
C MET A 229 10.02 -13.65 -17.82
N ILE A 230 9.19 -14.02 -16.84
CA ILE A 230 8.86 -15.43 -16.63
C ILE A 230 8.21 -16.01 -17.89
N GLN A 231 7.50 -15.18 -18.64
CA GLN A 231 6.83 -15.62 -19.85
C GLN A 231 7.69 -15.45 -21.10
N GLY A 232 8.83 -14.78 -20.96
CA GLY A 232 9.71 -14.57 -22.10
C GLY A 232 9.24 -13.48 -23.06
N ASP A 233 8.43 -12.55 -22.57
CA ASP A 233 7.94 -11.44 -23.39
C ASP A 233 8.86 -10.26 -23.23
N ASP A 234 8.72 -9.27 -24.12
CA ASP A 234 9.54 -8.07 -24.03
C ASP A 234 9.17 -7.30 -22.77
N VAL A 235 10.14 -6.56 -22.25
CA VAL A 235 9.94 -5.74 -21.06
C VAL A 235 10.12 -4.32 -21.55
N TYR A 236 9.14 -3.46 -21.25
CA TYR A 236 9.19 -2.08 -21.69
C TYR A 236 9.56 -1.10 -20.59
N ILE A 237 10.48 -0.19 -20.90
CA ILE A 237 10.89 0.83 -19.95
C ILE A 237 10.38 2.17 -20.49
N ASN A 238 9.59 2.87 -19.69
CA ASN A 238 9.03 4.14 -20.12
C ASN A 238 10.01 5.28 -19.89
N GLY A 239 10.75 5.64 -20.94
CA GLY A 239 11.71 6.71 -20.83
C GLY A 239 13.13 6.18 -20.95
N ASP A 240 14.04 6.77 -20.18
CA ASP A 240 15.44 6.38 -20.22
C ASP A 240 15.82 5.36 -19.16
N GLY A 241 14.87 4.98 -18.31
CA GLY A 241 15.16 4.02 -17.26
C GLY A 241 15.91 4.61 -16.08
N GLU A 242 16.17 5.91 -16.13
CA GLU A 242 16.87 6.59 -15.04
C GLU A 242 15.86 7.04 -13.99
N THR A 243 14.58 6.96 -14.35
CA THR A 243 13.51 7.30 -13.41
C THR A 243 13.78 6.43 -12.19
N SER A 244 13.62 6.99 -10.99
CA SER A 244 13.89 6.24 -9.77
C SER A 244 12.78 6.21 -8.72
N ARG A 245 12.77 5.15 -7.91
CA ARG A 245 11.76 4.96 -6.88
C ARG A 245 12.36 4.43 -5.59
N ASP A 246 11.61 4.56 -4.50
CA ASP A 246 12.01 4.06 -3.20
C ASP A 246 11.11 2.85 -3.02
N PHE A 247 11.40 1.78 -3.74
CA PHE A 247 10.58 0.57 -3.66
C PHE A 247 10.54 0.06 -2.23
N CYS A 248 9.32 -0.12 -1.72
CA CYS A 248 9.09 -0.55 -0.35
C CYS A 248 8.42 -1.92 -0.26
N TYR A 249 9.18 -2.93 0.16
CA TYR A 249 8.64 -4.28 0.29
C TYR A 249 7.46 -4.28 1.25
N ILE A 250 6.40 -4.99 0.88
CA ILE A 250 5.16 -5.07 1.65
C ILE A 250 5.31 -5.21 3.17
N GLU A 251 6.30 -5.96 3.65
CA GLU A 251 6.45 -6.13 5.09
C GLU A 251 6.69 -4.79 5.81
N ASN A 252 7.43 -3.89 5.17
CA ASN A 252 7.72 -2.58 5.76
C ASN A 252 6.42 -1.78 5.90
N THR A 253 5.57 -1.86 4.88
CA THR A 253 4.31 -1.15 4.85
C THR A 253 3.33 -1.71 5.89
N VAL A 254 3.36 -3.02 6.07
CA VAL A 254 2.48 -3.66 7.06
C VAL A 254 2.86 -3.13 8.44
N GLN A 255 4.16 -3.09 8.71
CA GLN A 255 4.65 -2.58 10.00
C GLN A 255 4.15 -1.15 10.25
N ALA A 256 4.26 -0.30 9.24
CA ALA A 256 3.85 1.10 9.35
C ALA A 256 2.38 1.24 9.72
N ASN A 257 1.53 0.40 9.14
CA ASN A 257 0.11 0.43 9.42
C ASN A 257 -0.22 0.06 10.87
N LEU A 258 0.31 -1.08 11.32
CA LEU A 258 0.05 -1.53 12.69
C LEU A 258 0.60 -0.53 13.71
N LEU A 259 1.74 0.07 13.37
CA LEU A 259 2.38 1.08 14.22
C LEU A 259 1.50 2.33 14.29
N ALA A 260 1.04 2.81 13.14
CA ALA A 260 0.20 3.99 13.08
C ALA A 260 -1.14 3.77 13.79
N ALA A 261 -1.68 2.58 13.64
CA ALA A 261 -2.96 2.24 14.25
C ALA A 261 -2.92 2.24 15.78
N THR A 262 -1.73 2.03 16.33
CA THR A 262 -1.58 1.98 17.78
C THR A 262 -0.68 3.10 18.34
N ALA A 263 -0.45 4.14 17.56
CA ALA A 263 0.41 5.25 17.97
C ALA A 263 -0.21 6.17 19.01
N GLY A 264 0.64 6.83 19.78
CA GLY A 264 0.18 7.76 20.80
C GLY A 264 -0.42 9.00 20.20
N LEU A 265 -1.06 9.81 21.05
CA LEU A 265 -1.72 11.04 20.65
C LEU A 265 -0.82 11.98 19.85
N ASP A 266 0.42 12.14 20.30
CA ASP A 266 1.38 13.02 19.65
C ASP A 266 1.62 12.68 18.18
N ALA A 267 1.58 11.39 17.85
CA ALA A 267 1.82 10.95 16.48
C ALA A 267 0.60 11.07 15.57
N ARG A 268 -0.55 11.45 16.13
CA ARG A 268 -1.77 11.56 15.34
C ARG A 268 -1.96 12.87 14.59
N ASN A 269 -2.84 12.84 13.59
CA ASN A 269 -3.10 13.96 12.69
C ASN A 269 -1.78 14.34 12.05
N GLN A 270 -1.08 13.32 11.57
CA GLN A 270 0.21 13.48 10.92
C GLN A 270 0.25 12.55 9.70
N VAL A 271 1.00 12.96 8.68
CA VAL A 271 1.17 12.14 7.49
C VAL A 271 2.65 11.77 7.50
N TYR A 272 2.98 10.53 7.14
CA TYR A 272 4.37 10.07 7.16
C TYR A 272 4.81 9.36 5.89
N ASN A 273 6.06 9.59 5.50
CA ASN A 273 6.60 8.89 4.34
C ASN A 273 6.84 7.46 4.80
N ILE A 274 6.38 6.50 4.02
CA ILE A 274 6.61 5.09 4.35
C ILE A 274 7.40 4.47 3.21
N ALA A 275 8.67 4.21 3.46
CA ALA A 275 9.56 3.63 2.46
C ALA A 275 10.80 3.12 3.17
N VAL A 276 11.92 3.06 2.45
CA VAL A 276 13.17 2.58 3.03
C VAL A 276 14.27 3.63 2.96
N GLY A 277 14.11 4.60 2.07
CA GLY A 277 15.13 5.62 1.93
C GLY A 277 16.16 5.18 0.89
N GLY A 278 15.78 4.24 0.04
CA GLY A 278 16.67 3.74 -0.98
C GLY A 278 16.32 4.22 -2.37
N ARG A 279 17.34 4.48 -3.19
CA ARG A 279 17.12 4.93 -4.56
C ARG A 279 17.40 3.83 -5.57
N THR A 280 16.37 3.43 -6.30
CA THR A 280 16.50 2.39 -7.32
C THR A 280 15.99 2.88 -8.67
N SER A 281 16.88 2.97 -9.65
CA SER A 281 16.48 3.40 -10.98
C SER A 281 15.79 2.21 -11.65
N LEU A 282 14.95 2.50 -12.64
CA LEU A 282 14.28 1.43 -13.36
C LEU A 282 15.31 0.53 -14.03
N ASN A 283 16.42 1.11 -14.48
CA ASN A 283 17.46 0.31 -15.12
C ASN A 283 18.04 -0.72 -14.13
N GLN A 284 18.24 -0.32 -12.88
CA GLN A 284 18.75 -1.25 -11.89
C GLN A 284 17.71 -2.34 -11.63
N LEU A 285 16.45 -1.91 -11.53
CA LEU A 285 15.33 -2.81 -11.27
C LEU A 285 15.22 -3.92 -12.30
N PHE A 286 15.40 -3.56 -13.57
CA PHE A 286 15.34 -4.55 -14.65
C PHE A 286 16.30 -5.70 -14.37
N PHE A 287 17.56 -5.38 -14.10
CA PHE A 287 18.56 -6.40 -13.83
C PHE A 287 18.37 -7.08 -12.49
N ALA A 288 17.83 -6.36 -11.51
CA ALA A 288 17.58 -6.93 -10.19
C ALA A 288 16.56 -8.06 -10.32
N LEU A 289 15.48 -7.78 -11.07
CA LEU A 289 14.43 -8.77 -11.27
C LEU A 289 14.92 -9.93 -12.13
N ARG A 290 15.66 -9.59 -13.20
CA ARG A 290 16.18 -10.62 -14.09
C ARG A 290 17.14 -11.56 -13.36
N ASP A 291 18.07 -11.01 -12.59
CA ASP A 291 19.03 -11.82 -11.85
C ASP A 291 18.32 -12.60 -10.75
N GLY A 292 17.27 -12.00 -10.19
CA GLY A 292 16.51 -12.64 -9.13
C GLY A 292 15.82 -13.88 -9.65
N LEU A 293 15.24 -13.77 -10.84
CA LEU A 293 14.55 -14.90 -11.46
C LEU A 293 15.54 -15.99 -11.87
N ALA A 294 16.69 -15.58 -12.40
CA ALA A 294 17.72 -16.55 -12.82
C ALA A 294 18.17 -17.35 -11.60
N GLU A 295 18.17 -16.68 -10.46
CA GLU A 295 18.56 -17.26 -9.18
C GLU A 295 17.60 -18.41 -8.86
N ASN A 296 16.39 -18.31 -9.39
CA ASN A 296 15.36 -19.33 -9.17
C ASN A 296 15.22 -20.27 -10.37
N GLY A 297 16.20 -20.24 -11.26
CA GLY A 297 16.16 -21.13 -12.41
C GLY A 297 15.34 -20.64 -13.58
N VAL A 298 15.04 -19.34 -13.62
CA VAL A 298 14.26 -18.76 -14.70
C VAL A 298 15.20 -17.87 -15.51
N SER A 299 15.51 -18.29 -16.73
CA SER A 299 16.40 -17.51 -17.58
C SER A 299 15.64 -16.54 -18.47
N TYR A 300 16.27 -15.41 -18.77
CA TYR A 300 15.68 -14.37 -19.61
C TYR A 300 16.88 -13.64 -20.20
N HIS A 301 16.98 -13.63 -21.52
CA HIS A 301 18.12 -13.00 -22.17
C HIS A 301 17.80 -11.76 -23.00
N ARG A 302 16.54 -11.35 -23.01
CA ARG A 302 16.13 -10.18 -23.78
C ARG A 302 16.56 -8.89 -23.11
N GLU A 303 16.87 -7.89 -23.93
CA GLU A 303 17.26 -6.58 -23.42
C GLU A 303 15.97 -5.78 -23.27
N PRO A 304 15.95 -4.76 -22.41
CA PRO A 304 14.72 -3.98 -22.27
C PRO A 304 14.44 -3.15 -23.51
N VAL A 305 13.17 -2.88 -23.77
CA VAL A 305 12.78 -2.08 -24.92
C VAL A 305 12.29 -0.72 -24.41
N TYR A 306 13.10 0.31 -24.64
CA TYR A 306 12.80 1.66 -24.18
C TYR A 306 11.78 2.36 -25.08
N ARG A 307 10.85 3.07 -24.46
CA ARG A 307 9.83 3.81 -25.19
C ARG A 307 9.60 5.14 -24.50
N ASP A 308 8.56 5.86 -24.91
CA ASP A 308 8.25 7.18 -24.34
C ASP A 308 7.99 7.18 -22.84
N PHE A 309 8.26 8.31 -22.20
CA PHE A 309 7.99 8.47 -20.77
C PHE A 309 6.48 8.37 -20.62
N ARG A 310 6.01 7.89 -19.48
CA ARG A 310 4.57 7.77 -19.28
C ARG A 310 4.01 9.09 -18.76
N GLU A 311 2.82 9.45 -19.21
CA GLU A 311 2.17 10.69 -18.79
C GLU A 311 1.83 10.66 -17.30
N GLY A 312 1.95 11.82 -16.66
CA GLY A 312 1.65 11.95 -15.25
C GLY A 312 2.64 11.27 -14.34
N ASP A 313 3.78 10.86 -14.90
CA ASP A 313 4.80 10.16 -14.13
C ASP A 313 5.82 11.04 -13.39
N VAL A 314 6.07 10.69 -12.14
CA VAL A 314 7.04 11.40 -11.31
C VAL A 314 8.44 10.90 -11.72
N ARG A 315 9.40 11.81 -11.79
CA ARG A 315 10.77 11.46 -12.20
C ARG A 315 11.56 10.72 -11.13
N HIS A 316 11.81 11.38 -10.00
CA HIS A 316 12.57 10.78 -8.92
C HIS A 316 11.78 10.76 -7.62
N SER A 317 11.84 9.64 -6.91
CA SER A 317 11.13 9.50 -5.66
C SER A 317 12.01 8.77 -4.64
N LEU A 318 12.46 9.51 -3.63
CA LEU A 318 13.30 8.97 -2.56
C LEU A 318 12.75 9.56 -1.27
N ALA A 319 12.46 8.71 -0.30
CA ALA A 319 11.87 9.18 0.94
C ALA A 319 12.81 9.36 2.12
N ASP A 320 12.53 10.38 2.92
CA ASP A 320 13.26 10.63 4.15
C ASP A 320 12.25 10.03 5.13
N ILE A 321 12.63 8.95 5.81
CA ILE A 321 11.69 8.33 6.73
C ILE A 321 11.95 8.67 8.19
N SER A 322 12.70 9.75 8.42
CA SER A 322 13.03 10.17 9.78
C SER A 322 11.80 10.44 10.65
N LYS A 323 10.81 11.10 10.09
CA LYS A 323 9.60 11.42 10.84
C LYS A 323 8.90 10.17 11.37
N ALA A 324 8.68 9.19 10.49
CA ALA A 324 8.03 7.94 10.90
C ALA A 324 8.90 7.22 11.92
N ALA A 325 10.21 7.26 11.70
CA ALA A 325 11.16 6.61 12.60
C ALA A 325 11.09 7.23 13.99
N LYS A 326 11.07 8.56 14.05
CA LYS A 326 11.04 9.27 15.32
C LYS A 326 9.70 9.20 16.05
N LEU A 327 8.63 9.54 15.35
CA LEU A 327 7.29 9.54 15.94
C LEU A 327 6.59 8.19 16.04
N LEU A 328 6.80 7.30 15.06
CA LEU A 328 6.16 6.00 15.09
C LEU A 328 7.11 4.88 15.50
N GLY A 329 8.41 5.16 15.45
CA GLY A 329 9.38 4.13 15.80
C GLY A 329 9.51 3.18 14.63
N TYR A 330 9.15 3.68 13.45
CA TYR A 330 9.20 2.92 12.20
C TYR A 330 10.65 2.47 11.93
N ALA A 331 10.82 1.18 11.67
CA ALA A 331 12.14 0.64 11.40
C ALA A 331 12.08 -0.49 10.37
N PRO A 332 12.05 -0.15 9.07
CA PRO A 332 11.99 -1.15 8.00
C PRO A 332 13.22 -2.05 8.00
N LYS A 333 13.01 -3.35 7.77
CA LYS A 333 14.11 -4.30 7.75
C LYS A 333 14.32 -4.90 6.37
N TYR A 334 13.48 -4.52 5.41
CA TYR A 334 13.60 -5.07 4.07
C TYR A 334 13.97 -4.09 2.96
N ASP A 335 15.15 -4.28 2.39
CA ASP A 335 15.60 -3.43 1.28
C ASP A 335 15.01 -4.07 0.03
N VAL A 336 15.17 -3.41 -1.12
CA VAL A 336 14.62 -3.92 -2.38
C VAL A 336 15.07 -5.33 -2.74
N SER A 337 16.37 -5.60 -2.65
CA SER A 337 16.90 -6.92 -2.99
C SER A 337 16.26 -8.04 -2.18
N ALA A 338 16.22 -7.85 -0.86
CA ALA A 338 15.61 -8.85 0.01
C ALA A 338 14.14 -9.03 -0.37
N GLY A 339 13.47 -7.93 -0.69
CA GLY A 339 12.07 -8.00 -1.08
C GLY A 339 11.92 -8.78 -2.38
N VAL A 340 12.80 -8.50 -3.33
CA VAL A 340 12.77 -9.19 -4.61
C VAL A 340 13.03 -10.69 -4.44
N ALA A 341 13.98 -11.03 -3.57
CA ALA A 341 14.31 -12.42 -3.31
C ALA A 341 13.09 -13.16 -2.76
N LEU A 342 12.29 -12.48 -1.96
CA LEU A 342 11.08 -13.08 -1.38
C LEU A 342 9.91 -13.12 -2.36
N ALA A 343 9.85 -12.12 -3.25
CA ALA A 343 8.77 -12.01 -4.22
C ALA A 343 8.87 -12.90 -5.47
N MET A 344 10.06 -13.06 -6.03
CA MET A 344 10.21 -13.87 -7.24
C MET A 344 9.61 -15.27 -7.17
N PRO A 345 9.88 -16.02 -6.09
CA PRO A 345 9.30 -17.37 -6.00
C PRO A 345 7.78 -17.34 -6.06
N TRP A 346 7.16 -16.31 -5.50
CA TRP A 346 5.70 -16.20 -5.51
C TRP A 346 5.19 -16.08 -6.94
N TYR A 347 5.77 -15.17 -7.71
CA TYR A 347 5.34 -14.98 -9.09
C TYR A 347 5.60 -16.20 -9.96
N ILE A 348 6.70 -16.89 -9.69
CA ILE A 348 7.02 -18.09 -10.46
C ILE A 348 5.93 -19.11 -10.21
N MET A 349 5.53 -19.27 -8.95
CA MET A 349 4.48 -20.22 -8.60
C MET A 349 3.13 -19.75 -9.11
N PHE A 350 2.92 -18.44 -9.15
CA PHE A 350 1.65 -17.88 -9.61
C PHE A 350 1.42 -18.13 -11.09
N LEU A 351 2.48 -18.13 -11.88
CA LEU A 351 2.36 -18.33 -13.31
C LEU A 351 2.70 -19.76 -13.74
N LYS A 352 2.87 -20.66 -12.77
CA LYS A 352 3.19 -22.06 -13.07
C LYS A 352 1.97 -22.81 -13.58
#